data_7HH5
#
_entry.id   7HH5
#
_cell.length_a   41.667
_cell.length_b   42.113
_cell.length_c   159.183
_cell.angle_alpha   90.00
_cell.angle_beta   90.00
_cell.angle_gamma   90.00
#
_symmetry.space_group_name_H-M   'P 21 21 21'
#
loop_
_entity.id
_entity.type
_entity.pdbx_description
1 polymer 'Hepatoma-derived growth factor-related protein 2'
2 non-polymer 'SULFATE ION'
3 non-polymer 1,2-ETHANEDIOL
4 non-polymer 1-(1,4-diazepan-1-yl)ethan-1-one
5 water water
#
_entity_poly.entity_id   1
_entity_poly.type   'polypeptide(L)'
_entity_poly.pdbx_seq_one_letter_code
;GMPHAFKPGDLVFAKMKGYPHWPARIDDIADGAVKPPPNKYPIFFFGTHETAFLGPKDLFPYDKSKDKYGKPNKRKGFNE
GLWEIQNNPHASYS
;
_entity_poly.pdbx_strand_id   A,B,C
#
loop_
_chem_comp.id
_chem_comp.type
_chem_comp.name
_chem_comp.formula
EDO non-polymer 1,2-ETHANEDIOL 'C2 H6 O2'
SO4 non-polymer 'SULFATE ION' 'O4 S -2'
WO7 non-polymer 1-(1,4-diazepan-1-yl)ethan-1-one 'C7 H14 N2 O'
#
# COMPACT_ATOMS: atom_id res chain seq x y z
N MET A 2 -24.03 -0.33 -15.35
CA MET A 2 -23.86 1.10 -14.99
C MET A 2 -22.91 1.26 -13.80
N PRO A 3 -22.18 2.39 -13.70
CA PRO A 3 -21.31 2.69 -12.55
C PRO A 3 -21.99 2.71 -11.18
N HIS A 4 -21.24 2.31 -10.15
CA HIS A 4 -21.67 2.46 -8.79
C HIS A 4 -20.88 3.65 -8.23
N ALA A 5 -21.09 3.97 -6.95
CA ALA A 5 -20.22 4.91 -6.28
C ALA A 5 -18.85 4.27 -6.07
N PHE A 6 -17.84 5.12 -5.84
CA PHE A 6 -16.51 4.62 -5.49
C PHE A 6 -16.58 3.82 -4.18
N LYS A 7 -15.77 2.76 -4.12
CA LYS A 7 -15.65 1.99 -2.89
C LYS A 7 -14.18 1.68 -2.66
N PRO A 8 -13.79 1.33 -1.42
CA PRO A 8 -12.41 0.96 -1.14
C PRO A 8 -11.99 -0.20 -2.05
N GLY A 9 -10.75 -0.13 -2.56
CA GLY A 9 -10.20 -1.13 -3.46
C GLY A 9 -10.29 -0.71 -4.93
N ASP A 10 -11.22 0.23 -5.24
CA ASP A 10 -11.24 0.71 -6.61
C ASP A 10 -9.91 1.33 -7.06
N LEU A 11 -9.50 1.09 -8.33
CA LEU A 11 -8.25 1.60 -8.87
C LEU A 11 -8.58 2.79 -9.78
N VAL A 12 -7.76 3.84 -9.67
CA VAL A 12 -8.03 5.11 -10.37
C VAL A 12 -6.72 5.73 -10.83
N PHE A 13 -6.83 6.73 -11.73
CA PHE A 13 -5.85 7.78 -11.71
C PHE A 13 -6.45 8.98 -10.97
N ALA A 14 -5.64 9.58 -10.07
CA ALA A 14 -6.15 10.63 -9.20
C ALA A 14 -5.42 11.93 -9.55
N LYS A 15 -6.21 13.03 -9.66
CA LYS A 15 -5.64 14.26 -10.16
C LYS A 15 -5.49 15.26 -9.01
N MET A 16 -4.26 15.75 -8.86
CA MET A 16 -4.07 16.94 -8.07
C MET A 16 -3.35 18.05 -8.82
N LYS A 17 -3.68 19.29 -8.44
CA LYS A 17 -3.09 20.52 -8.96
C LYS A 17 -1.58 20.34 -9.03
N GLY A 18 -0.99 20.57 -10.21
CA GLY A 18 0.46 20.61 -10.29
C GLY A 18 1.04 19.25 -10.64
N TYR A 19 0.19 18.20 -10.60
CA TYR A 19 0.71 16.87 -10.81
C TYR A 19 -0.06 16.17 -11.91
N PRO A 20 0.58 15.26 -12.64
CA PRO A 20 -0.08 14.49 -13.70
C PRO A 20 -1.08 13.53 -13.01
N HIS A 21 -2.12 13.13 -13.72
CA HIS A 21 -3.05 12.08 -13.27
C HIS A 21 -2.22 10.90 -12.76
N TRP A 22 -2.46 10.47 -11.51
CA TRP A 22 -1.49 9.62 -10.82
C TRP A 22 -2.11 8.27 -10.48
N PRO A 23 -1.44 7.12 -10.73
CA PRO A 23 -2.01 5.81 -10.33
C PRO A 23 -2.25 5.75 -8.82
N ALA A 24 -3.45 5.31 -8.45
CA ALA A 24 -3.89 5.39 -7.07
C ALA A 24 -5.01 4.38 -6.79
N ARG A 25 -5.34 4.20 -5.51
CA ARG A 25 -6.51 3.40 -5.15
C ARG A 25 -7.33 4.14 -4.10
N ILE A 26 -8.62 3.78 -4.04
CA ILE A 26 -9.45 4.18 -2.90
C ILE A 26 -9.07 3.32 -1.72
N ASP A 27 -8.65 3.93 -0.61
CA ASP A 27 -8.23 3.14 0.55
C ASP A 27 -9.39 2.89 1.51
N ASP A 28 -9.22 1.87 2.38
CA ASP A 28 -10.08 1.72 3.54
C ASP A 28 -9.60 2.71 4.60
N ILE A 29 -10.43 2.97 5.59
CA ILE A 29 -9.96 3.70 6.75
C ILE A 29 -9.85 2.65 7.85
N ALA A 30 -8.68 2.50 8.46
CA ALA A 30 -8.53 1.49 9.51
C ALA A 30 -9.32 1.93 10.75
N ASP A 31 -9.73 0.94 11.56
CA ASP A 31 -10.30 1.22 12.87
C ASP A 31 -9.34 2.14 13.60
N GLY A 32 -9.89 3.23 14.16
CA GLY A 32 -9.13 4.13 15.01
C GLY A 32 -8.41 5.22 14.23
N ALA A 33 -8.39 5.11 12.89
CA ALA A 33 -7.65 6.07 12.07
C ALA A 33 -8.53 7.27 11.70
N VAL A 34 -7.86 8.35 11.25
CA VAL A 34 -8.52 9.62 10.95
C VAL A 34 -9.40 9.49 9.72
N LYS A 35 -10.67 9.90 9.83
CA LYS A 35 -11.66 9.81 8.75
C LYS A 35 -11.47 10.97 7.80
N PRO A 36 -11.82 10.84 6.50
CA PRO A 36 -11.71 11.96 5.56
C PRO A 36 -12.81 12.96 5.85
N PRO A 37 -12.75 14.18 5.27
CA PRO A 37 -13.88 15.11 5.29
C PRO A 37 -15.09 14.52 4.58
N PRO A 38 -16.32 15.03 4.86
CA PRO A 38 -17.50 14.67 4.06
C PRO A 38 -17.24 14.78 2.57
N ASN A 39 -17.78 13.81 1.83
CA ASN A 39 -17.77 13.74 0.38
C ASN A 39 -16.37 13.47 -0.18
N LYS A 40 -15.38 13.21 0.70
CA LYS A 40 -14.02 12.96 0.25
C LYS A 40 -13.70 11.50 0.49
N TYR A 41 -12.80 10.96 -0.34
CA TYR A 41 -12.34 9.59 -0.18
C TYR A 41 -10.86 9.61 0.21
N PRO A 42 -10.36 8.61 0.98
CA PRO A 42 -8.92 8.53 1.18
C PRO A 42 -8.23 7.89 -0.02
N ILE A 43 -7.34 8.64 -0.66
CA ILE A 43 -6.72 8.15 -1.88
C ILE A 43 -5.27 7.77 -1.53
N PHE A 44 -4.87 6.52 -1.86
CA PHE A 44 -3.50 6.11 -1.69
C PHE A 44 -2.81 6.15 -3.05
N PHE A 45 -1.72 6.93 -3.15
CA PHE A 45 -1.03 7.18 -4.40
C PHE A 45 0.07 6.12 -4.48
N PHE A 46 0.00 5.30 -5.54
CA PHE A 46 1.06 4.32 -5.70
C PHE A 46 2.39 5.02 -6.01
N GLY A 47 3.49 4.31 -5.71
CA GLY A 47 4.81 4.83 -6.00
C GLY A 47 5.30 5.77 -4.90
N THR A 48 4.58 6.87 -4.63
CA THR A 48 4.95 7.78 -3.56
C THR A 48 4.47 7.25 -2.21
N HIS A 49 3.40 6.45 -2.25
CA HIS A 49 2.78 5.90 -1.05
C HIS A 49 2.19 6.99 -0.15
N GLU A 50 1.86 8.14 -0.73
CA GLU A 50 1.22 9.23 0.02
C GLU A 50 -0.31 9.08 0.00
N THR A 51 -0.98 9.74 0.97
CA THR A 51 -2.43 9.75 1.05
C THR A 51 -2.92 11.19 0.91
N ALA A 52 -4.00 11.38 0.15
CA ALA A 52 -4.70 12.65 0.12
C ALA A 52 -6.19 12.38 0.06
N PHE A 53 -7.00 13.40 0.39
CA PHE A 53 -8.44 13.26 0.40
C PHE A 53 -8.97 13.97 -0.83
N LEU A 54 -9.72 13.23 -1.65
CA LEU A 54 -10.18 13.75 -2.93
C LEU A 54 -11.64 13.39 -3.14
N GLY A 55 -12.30 14.26 -3.91
CA GLY A 55 -13.66 13.95 -4.31
C GLY A 55 -13.68 13.34 -5.72
N PRO A 56 -14.83 12.76 -6.12
CA PRO A 56 -14.97 12.10 -7.43
C PRO A 56 -14.56 12.91 -8.66
N LYS A 57 -14.58 14.26 -8.55
CA LYS A 57 -14.21 15.06 -9.71
C LYS A 57 -12.74 14.88 -10.11
N ASP A 58 -11.92 14.40 -9.15
CA ASP A 58 -10.51 14.21 -9.40
C ASP A 58 -10.16 12.72 -9.53
N LEU A 59 -11.16 11.85 -9.67
CA LEU A 59 -10.92 10.39 -9.69
C LEU A 59 -11.36 9.81 -11.03
N PHE A 60 -10.40 9.23 -11.77
CA PHE A 60 -10.72 8.65 -13.07
C PHE A 60 -10.54 7.12 -13.00
N PRO A 61 -11.59 6.32 -13.27
CA PRO A 61 -11.45 4.85 -13.17
C PRO A 61 -10.30 4.32 -14.02
N TYR A 62 -9.49 3.39 -13.45
CA TYR A 62 -8.22 3.03 -14.05
C TYR A 62 -8.37 2.34 -15.41
N ASP A 63 -9.31 1.39 -15.52
CA ASP A 63 -9.49 0.63 -16.76
C ASP A 63 -9.82 1.56 -17.93
N LYS A 64 -10.78 2.47 -17.74
CA LYS A 64 -11.16 3.43 -18.77
C LYS A 64 -9.99 4.34 -19.17
N SER A 65 -9.12 4.72 -18.21
CA SER A 65 -8.21 5.84 -18.36
C SER A 65 -6.76 5.42 -18.65
N LYS A 66 -6.45 4.12 -18.57
CA LYS A 66 -5.03 3.77 -18.51
C LYS A 66 -4.33 4.00 -19.86
N ASP A 67 -5.07 3.89 -20.97
N ASP A 67 -5.07 3.86 -20.97
CA ASP A 67 -4.53 4.12 -22.29
CA ASP A 67 -4.48 4.14 -22.27
C ASP A 67 -4.09 5.58 -22.43
C ASP A 67 -3.95 5.57 -22.27
N LYS A 68 -4.73 6.48 -21.68
CA LYS A 68 -4.40 7.90 -21.75
C LYS A 68 -3.34 8.28 -20.73
N TYR A 69 -3.43 7.72 -19.50
CA TYR A 69 -2.70 8.27 -18.38
C TYR A 69 -1.57 7.35 -17.91
N GLY A 70 -1.60 6.10 -18.36
CA GLY A 70 -0.67 5.09 -17.86
C GLY A 70 0.60 4.99 -18.71
N LYS A 71 1.32 6.11 -18.87
CA LYS A 71 2.57 6.13 -19.58
C LYS A 71 3.64 6.70 -18.66
N PRO A 72 4.93 6.32 -18.83
CA PRO A 72 5.97 6.77 -17.91
C PRO A 72 6.06 8.29 -17.85
N ASN A 73 6.50 8.79 -16.71
CA ASN A 73 6.57 10.20 -16.40
C ASN A 73 7.87 10.40 -15.63
N LYS A 74 8.41 11.61 -15.70
CA LYS A 74 9.67 11.95 -15.07
C LYS A 74 9.49 12.11 -13.56
N ARG A 75 8.25 12.32 -13.10
CA ARG A 75 8.01 12.69 -11.70
C ARG A 75 8.39 11.56 -10.76
N LYS A 76 8.91 11.94 -9.58
CA LYS A 76 9.39 11.04 -8.55
C LYS A 76 8.28 10.08 -8.16
N GLY A 77 8.51 8.78 -8.33
CA GLY A 77 7.55 7.83 -7.79
C GLY A 77 6.59 7.31 -8.86
N PHE A 78 6.45 8.05 -9.96
CA PHE A 78 5.40 7.75 -10.92
C PHE A 78 5.53 6.34 -11.53
N ASN A 79 6.73 6.01 -12.03
CA ASN A 79 6.89 4.75 -12.74
C ASN A 79 6.79 3.55 -11.79
N GLU A 80 7.30 3.71 -10.55
CA GLU A 80 7.07 2.68 -9.54
C GLU A 80 5.56 2.54 -9.32
N GLY A 81 4.87 3.68 -9.30
CA GLY A 81 3.41 3.66 -9.16
C GLY A 81 2.71 2.87 -10.28
N LEU A 82 3.17 3.02 -11.53
CA LEU A 82 2.56 2.27 -12.62
C LEU A 82 2.76 0.77 -12.41
N TRP A 83 3.93 0.39 -11.86
CA TRP A 83 4.18 -1.04 -11.68
C TRP A 83 3.22 -1.56 -10.63
N GLU A 84 3.03 -0.79 -9.54
CA GLU A 84 2.23 -1.25 -8.44
C GLU A 84 0.78 -1.45 -8.88
N ILE A 85 0.22 -0.45 -9.56
CA ILE A 85 -1.20 -0.50 -9.89
C ILE A 85 -1.46 -1.68 -10.83
N GLN A 86 -0.48 -2.02 -11.68
CA GLN A 86 -0.69 -3.11 -12.64
C GLN A 86 -0.42 -4.48 -12.03
N ASN A 87 0.56 -4.55 -11.10
CA ASN A 87 1.12 -5.82 -10.65
C ASN A 87 0.68 -6.22 -9.25
N ASN A 88 0.50 -5.27 -8.32
CA ASN A 88 0.02 -5.67 -7.00
C ASN A 88 -0.77 -4.52 -6.35
N PRO A 89 -1.91 -4.14 -6.96
CA PRO A 89 -2.61 -2.92 -6.55
C PRO A 89 -3.30 -3.03 -5.20
N HIS A 90 -3.45 -4.24 -4.66
CA HIS A 90 -4.16 -4.39 -3.40
C HIS A 90 -3.23 -4.83 -2.25
N ALA A 91 -1.92 -4.68 -2.44
CA ALA A 91 -0.94 -5.09 -1.43
C ALA A 91 -0.83 -4.05 -0.32
N SER A 92 -0.25 -4.50 0.79
CA SER A 92 0.16 -3.58 1.83
C SER A 92 1.46 -2.88 1.41
N TYR A 93 1.41 -1.54 1.40
CA TYR A 93 2.59 -0.74 1.09
C TYR A 93 3.02 0.07 2.31
N SER A 94 2.46 -0.22 3.48
CA SER A 94 3.02 0.28 4.72
C SER A 94 4.45 -0.24 4.86
N MET B 2 -9.39 -14.47 41.91
CA MET B 2 -9.02 -13.41 42.89
C MET B 2 -9.50 -12.06 42.34
N PRO B 3 -10.22 -11.25 43.13
CA PRO B 3 -10.64 -9.90 42.71
C PRO B 3 -9.39 -9.03 42.53
N HIS B 4 -9.36 -8.20 41.47
CA HIS B 4 -8.21 -7.34 41.25
C HIS B 4 -8.64 -5.87 41.32
N ALA B 5 -7.67 -4.96 41.15
CA ALA B 5 -8.00 -3.54 41.19
C ALA B 5 -9.11 -3.26 40.18
N PHE B 6 -8.97 -3.84 38.99
CA PHE B 6 -9.99 -3.77 37.95
C PHE B 6 -10.74 -5.11 37.88
N LYS B 7 -12.07 -5.03 37.80
CA LYS B 7 -12.90 -6.22 37.71
C LYS B 7 -13.65 -6.23 36.37
N PRO B 8 -14.01 -7.43 35.84
CA PRO B 8 -14.81 -7.52 34.61
C PRO B 8 -16.03 -6.64 34.69
N GLY B 9 -16.24 -5.83 33.65
CA GLY B 9 -17.38 -4.94 33.55
C GLY B 9 -17.05 -3.50 33.93
N ASP B 10 -15.89 -3.25 34.56
CA ASP B 10 -15.54 -1.86 34.87
C ASP B 10 -15.32 -1.10 33.55
N LEU B 11 -15.71 0.16 33.54
CA LEU B 11 -15.64 0.93 32.31
C LEU B 11 -14.42 1.84 32.45
N VAL B 12 -13.74 2.08 31.32
CA VAL B 12 -12.47 2.81 31.37
C VAL B 12 -12.31 3.58 30.06
N PHE B 13 -11.34 4.50 30.06
CA PHE B 13 -10.67 4.85 28.82
C PHE B 13 -9.34 4.12 28.80
N ALA B 14 -9.00 3.53 27.63
CA ALA B 14 -7.80 2.72 27.47
C ALA B 14 -6.89 3.39 26.45
N LYS B 15 -5.59 3.46 26.77
CA LYS B 15 -4.65 4.25 25.97
C LYS B 15 -3.69 3.32 25.25
N MET B 16 -3.62 3.51 23.94
CA MET B 16 -2.68 2.81 23.07
C MET B 16 -1.85 3.86 22.32
N LYS B 17 -0.57 3.55 22.12
CA LYS B 17 0.28 4.41 21.31
C LYS B 17 -0.40 4.68 19.96
N GLY B 18 -0.46 5.97 19.57
CA GLY B 18 -1.01 6.38 18.29
C GLY B 18 -2.50 6.74 18.31
N TYR B 19 -3.18 6.56 19.46
CA TYR B 19 -4.61 6.79 19.47
C TYR B 19 -4.99 7.58 20.72
N PRO B 20 -6.11 8.32 20.70
CA PRO B 20 -6.61 8.97 21.92
C PRO B 20 -7.12 7.95 22.93
N HIS B 21 -7.06 8.28 24.25
CA HIS B 21 -7.73 7.48 25.29
C HIS B 21 -9.09 7.01 24.79
N TRP B 22 -9.36 5.71 24.85
CA TRP B 22 -10.43 5.16 24.02
C TRP B 22 -11.49 4.50 24.92
N PRO B 23 -12.81 4.78 24.76
CA PRO B 23 -13.83 4.21 25.64
C PRO B 23 -13.75 2.70 25.54
N ALA B 24 -13.73 2.03 26.70
CA ALA B 24 -13.45 0.61 26.70
C ALA B 24 -13.97 -0.03 27.98
N ARG B 25 -13.89 -1.36 28.03
CA ARG B 25 -14.27 -2.09 29.24
C ARG B 25 -13.28 -3.21 29.53
N ILE B 26 -13.23 -3.62 30.81
CA ILE B 26 -12.50 -4.80 31.19
C ILE B 26 -13.41 -5.98 30.87
N ASP B 27 -12.86 -6.96 30.16
CA ASP B 27 -13.59 -8.18 29.82
C ASP B 27 -13.23 -9.30 30.78
N ASP B 28 -14.06 -10.37 30.76
N ASP B 28 -14.09 -10.34 30.87
CA ASP B 28 -13.90 -11.57 31.55
CA ASP B 28 -13.85 -11.42 31.80
C ASP B 28 -12.64 -12.34 31.11
C ASP B 28 -12.90 -12.45 31.18
N VAL B 34 -6.21 -18.11 25.25
CA VAL B 34 -5.14 -17.23 25.78
C VAL B 34 -5.61 -16.71 27.14
N LYS B 35 -4.66 -16.46 28.05
CA LYS B 35 -4.92 -15.68 29.25
C LYS B 35 -4.01 -14.45 29.20
N PRO B 36 -4.40 -13.28 29.80
CA PRO B 36 -3.59 -12.06 29.70
C PRO B 36 -2.15 -12.30 30.13
N PRO B 37 -1.14 -11.56 29.59
CA PRO B 37 0.21 -11.62 30.14
C PRO B 37 0.15 -11.13 31.58
N PRO B 38 1.17 -11.42 32.43
CA PRO B 38 1.20 -10.90 33.80
C PRO B 38 0.92 -9.40 33.94
N ASN B 39 0.06 -9.04 34.91
CA ASN B 39 -0.23 -7.66 35.28
C ASN B 39 -1.18 -6.97 34.29
N LYS B 40 -1.66 -7.70 33.28
CA LYS B 40 -2.47 -7.10 32.21
C LYS B 40 -3.91 -7.58 32.28
N TYR B 41 -4.82 -6.80 31.67
CA TYR B 41 -6.23 -7.15 31.62
C TYR B 41 -6.69 -7.28 30.17
N PRO B 42 -7.70 -8.14 29.89
CA PRO B 42 -8.38 -8.11 28.59
C PRO B 42 -9.26 -6.87 28.45
N ILE B 43 -8.95 -6.06 27.42
CA ILE B 43 -9.69 -4.83 27.13
C ILE B 43 -10.55 -5.03 25.89
N PHE B 44 -11.79 -4.53 25.95
CA PHE B 44 -12.66 -4.44 24.78
C PHE B 44 -12.88 -2.96 24.48
N PHE B 45 -12.55 -2.54 23.24
CA PHE B 45 -12.67 -1.17 22.82
C PHE B 45 -14.03 -1.00 22.18
N PHE B 46 -14.82 -0.08 22.74
CA PHE B 46 -16.12 0.20 22.19
C PHE B 46 -15.96 0.84 20.80
N GLY B 47 -17.00 0.66 19.97
CA GLY B 47 -17.00 1.30 18.67
C GLY B 47 -16.28 0.43 17.65
N THR B 48 -14.98 0.20 17.83
CA THR B 48 -14.21 -0.64 16.95
C THR B 48 -14.48 -2.10 17.26
N HIS B 49 -14.84 -2.37 18.52
CA HIS B 49 -15.00 -3.71 19.02
C HIS B 49 -13.70 -4.49 18.92
N GLU B 50 -12.56 -3.81 18.92
CA GLU B 50 -11.29 -4.54 18.95
C GLU B 50 -10.96 -4.91 20.42
N THR B 51 -9.94 -5.73 20.57
CA THR B 51 -9.47 -6.18 21.88
C THR B 51 -7.94 -6.03 21.94
N ALA B 52 -7.40 -5.89 23.17
CA ALA B 52 -5.98 -5.94 23.41
C ALA B 52 -5.76 -6.26 24.88
N PHE B 53 -4.50 -6.53 25.24
CA PHE B 53 -4.17 -6.69 26.65
C PHE B 53 -3.43 -5.43 27.12
N LEU B 54 -3.90 -4.80 28.21
CA LEU B 54 -3.23 -3.60 28.73
C LEU B 54 -3.04 -3.73 30.24
N GLY B 55 -1.99 -3.06 30.74
CA GLY B 55 -1.71 -2.89 32.15
C GLY B 55 -2.35 -1.62 32.71
N PRO B 56 -2.43 -1.47 34.06
CA PRO B 56 -3.05 -0.32 34.68
C PRO B 56 -2.58 1.06 34.24
N LYS B 57 -1.31 1.20 33.83
CA LYS B 57 -0.81 2.53 33.56
C LYS B 57 -1.62 3.14 32.39
N ASP B 58 -2.25 2.26 31.61
CA ASP B 58 -2.95 2.68 30.39
C ASP B 58 -4.46 2.66 30.57
N LEU B 59 -4.92 2.46 31.82
CA LEU B 59 -6.33 2.27 32.13
C LEU B 59 -6.83 3.36 33.08
N PHE B 60 -7.80 4.13 32.60
CA PHE B 60 -8.32 5.30 33.28
C PHE B 60 -9.80 5.04 33.61
N PRO B 61 -10.15 4.83 34.90
CA PRO B 61 -11.58 4.71 35.26
C PRO B 61 -12.49 5.73 34.56
N TYR B 62 -13.62 5.24 34.01
CA TYR B 62 -14.47 6.05 33.16
C TYR B 62 -15.11 7.22 33.89
N ASP B 63 -15.60 6.97 35.11
CA ASP B 63 -16.29 7.98 35.90
C ASP B 63 -15.37 9.17 36.16
N LYS B 64 -14.17 8.87 36.66
CA LYS B 64 -13.19 9.89 36.96
C LYS B 64 -12.83 10.70 35.71
N SER B 65 -12.73 10.03 34.56
CA SER B 65 -12.02 10.66 33.45
C SER B 65 -12.91 11.06 32.26
N LYS B 66 -14.25 10.91 32.38
CA LYS B 66 -15.10 11.05 31.21
C LYS B 66 -15.16 12.48 30.65
N ASP B 67 -15.02 13.52 31.47
CA ASP B 67 -15.23 14.83 30.89
C ASP B 67 -13.94 15.32 30.22
N LYS B 68 -12.83 14.71 30.63
CA LYS B 68 -11.52 14.91 30.03
C LYS B 68 -11.39 14.13 28.72
N TYR B 69 -11.71 12.82 28.72
CA TYR B 69 -11.40 11.97 27.56
C TYR B 69 -12.61 11.68 26.70
N GLY B 70 -13.81 12.03 27.19
CA GLY B 70 -15.02 11.55 26.54
C GLY B 70 -15.59 12.54 25.53
N LYS B 71 -14.72 13.23 24.79
CA LYS B 71 -15.14 14.23 23.81
C LYS B 71 -15.07 13.60 22.42
N PRO B 72 -16.05 13.87 21.52
CA PRO B 72 -16.01 13.30 20.17
C PRO B 72 -14.76 13.79 19.44
N ASN B 73 -14.29 12.96 18.50
CA ASN B 73 -13.20 13.30 17.59
C ASN B 73 -13.48 12.66 16.23
N LYS B 74 -12.50 12.72 15.34
CA LYS B 74 -12.66 12.27 13.96
C LYS B 74 -12.01 10.89 13.73
N ARG B 75 -11.68 10.15 14.80
CA ARG B 75 -11.17 8.79 14.62
C ARG B 75 -12.35 7.85 14.34
N LYS B 76 -12.16 6.96 13.35
CA LYS B 76 -13.14 5.93 12.98
C LYS B 76 -13.45 5.01 14.16
N GLY B 77 -14.73 5.03 14.55
CA GLY B 77 -15.22 4.13 15.58
C GLY B 77 -15.30 4.83 16.94
N PHE B 78 -14.67 5.99 17.08
CA PHE B 78 -14.64 6.66 18.39
C PHE B 78 -16.01 7.15 18.84
N ASN B 79 -16.75 7.90 18.00
CA ASN B 79 -18.02 8.43 18.50
C ASN B 79 -19.00 7.28 18.70
N GLU B 80 -18.86 6.22 17.93
CA GLU B 80 -19.74 5.09 18.16
C GLU B 80 -19.43 4.50 19.53
N GLY B 81 -18.13 4.46 19.87
CA GLY B 81 -17.67 3.90 21.14
C GLY B 81 -18.18 4.74 22.30
N LEU B 82 -18.24 6.05 22.09
CA LEU B 82 -18.79 6.96 23.08
C LEU B 82 -20.27 6.61 23.28
N TRP B 83 -20.96 6.30 22.17
CA TRP B 83 -22.37 5.89 22.24
C TRP B 83 -22.52 4.61 23.06
N GLU B 84 -21.64 3.62 22.83
CA GLU B 84 -21.76 2.30 23.43
C GLU B 84 -21.47 2.37 24.94
N ILE B 85 -20.42 3.11 25.33
CA ILE B 85 -20.03 3.07 26.74
C ILE B 85 -21.13 3.72 27.58
N GLN B 86 -21.82 4.68 26.96
CA GLN B 86 -22.89 5.45 27.57
C GLN B 86 -24.20 4.65 27.61
N ASN B 87 -24.55 3.94 26.52
CA ASN B 87 -25.93 3.49 26.42
C ASN B 87 -26.08 1.98 26.62
N ASN B 88 -25.00 1.21 26.39
CA ASN B 88 -25.08 -0.24 26.53
C ASN B 88 -23.70 -0.83 26.68
N PRO B 89 -22.97 -0.41 27.74
CA PRO B 89 -21.62 -0.88 28.02
C PRO B 89 -21.44 -2.38 28.21
N HIS B 90 -22.51 -3.10 28.61
CA HIS B 90 -22.30 -4.49 29.02
C HIS B 90 -22.86 -5.46 27.98
N ALA B 91 -23.22 -4.95 26.79
CA ALA B 91 -23.78 -5.79 25.74
C ALA B 91 -22.76 -6.75 25.11
N SER B 92 -23.29 -7.78 24.44
CA SER B 92 -22.54 -8.64 23.56
C SER B 92 -22.39 -7.91 22.22
N TYR B 93 -21.12 -7.70 21.81
CA TYR B 93 -20.77 -7.07 20.55
C TYR B 93 -20.17 -8.12 19.62
N SER B 94 -20.35 -9.39 20.00
CA SER B 94 -20.15 -10.55 19.14
C SER B 94 -20.75 -10.27 17.76
N HIS C 4 20.05 -22.69 -22.06
CA HIS C 4 18.79 -22.24 -22.71
C HIS C 4 19.11 -21.85 -24.15
N ALA C 5 18.25 -21.01 -24.74
CA ALA C 5 18.35 -20.58 -26.13
C ALA C 5 17.81 -19.17 -26.24
N PHE C 6 18.65 -18.25 -26.74
CA PHE C 6 18.17 -16.89 -26.89
C PHE C 6 18.25 -16.51 -28.35
N LYS C 7 17.09 -16.25 -28.95
CA LYS C 7 17.02 -15.70 -30.29
C LYS C 7 16.81 -14.20 -30.11
N PRO C 8 17.03 -13.34 -31.13
CA PRO C 8 16.73 -11.91 -31.00
C PRO C 8 15.26 -11.72 -30.63
N GLY C 9 14.98 -10.68 -29.83
CA GLY C 9 13.63 -10.34 -29.43
C GLY C 9 13.17 -11.00 -28.12
N ASP C 10 13.84 -12.08 -27.69
CA ASP C 10 13.57 -12.75 -26.43
C ASP C 10 13.70 -11.75 -25.29
N LEU C 11 12.73 -11.78 -24.37
CA LEU C 11 12.71 -10.84 -23.26
C LEU C 11 13.39 -11.50 -22.06
N VAL C 12 14.21 -10.72 -21.31
CA VAL C 12 15.05 -11.31 -20.30
C VAL C 12 15.22 -10.29 -19.17
N PHE C 13 15.76 -10.79 -18.04
CA PHE C 13 16.52 -10.02 -17.05
C PHE C 13 18.01 -10.31 -17.27
N ALA C 14 18.80 -9.23 -17.34
CA ALA C 14 20.22 -9.33 -17.67
C ALA C 14 21.02 -8.82 -16.47
N LYS C 15 22.00 -9.61 -16.02
CA LYS C 15 22.74 -9.27 -14.81
C LYS C 15 24.14 -8.82 -15.19
N MET C 16 24.49 -7.59 -14.78
CA MET C 16 25.88 -7.12 -14.85
C MET C 16 26.36 -6.81 -13.43
N LYS C 17 27.66 -6.98 -13.21
CA LYS C 17 28.25 -6.63 -11.93
C LYS C 17 27.95 -5.16 -11.64
N GLY C 18 27.48 -4.88 -10.42
CA GLY C 18 27.25 -3.51 -9.97
C GLY C 18 25.80 -3.08 -10.14
N TYR C 19 24.96 -3.98 -10.67
CA TYR C 19 23.58 -3.63 -11.05
C TYR C 19 22.63 -4.78 -10.73
N PRO C 20 21.37 -4.47 -10.34
CA PRO C 20 20.36 -5.51 -10.14
C PRO C 20 20.03 -6.14 -11.49
N HIS C 21 19.46 -7.35 -11.44
CA HIS C 21 18.93 -7.99 -12.63
C HIS C 21 17.99 -7.02 -13.35
N TRP C 22 18.26 -6.77 -14.64
CA TRP C 22 17.69 -5.60 -15.31
C TRP C 22 16.78 -6.04 -16.46
N PRO C 23 15.56 -5.48 -16.63
CA PRO C 23 14.69 -5.87 -17.74
C PRO C 23 15.35 -5.51 -19.06
N ALA C 24 15.37 -6.48 -19.99
CA ALA C 24 16.16 -6.29 -21.21
C ALA C 24 15.58 -7.16 -22.32
N ARG C 25 16.15 -7.04 -23.53
CA ARG C 25 15.89 -8.02 -24.57
C ARG C 25 17.17 -8.36 -25.34
N ILE C 26 17.13 -9.49 -26.04
CA ILE C 26 18.17 -9.89 -26.99
C ILE C 26 17.94 -9.11 -28.27
N ASP C 27 18.99 -8.41 -28.70
CA ASP C 27 18.98 -7.70 -29.98
C ASP C 27 19.33 -8.65 -31.12
N ASP C 31 24.47 -7.29 -39.92
CA ASP C 31 25.64 -7.70 -40.76
C ASP C 31 26.55 -6.50 -41.03
N GLY C 32 27.85 -6.74 -40.81
CA GLY C 32 28.87 -5.75 -41.10
C GLY C 32 29.28 -4.98 -39.84
N ALA C 33 28.46 -5.11 -38.79
CA ALA C 33 28.74 -4.57 -37.47
C ALA C 33 29.87 -5.39 -36.82
N VAL C 34 30.35 -4.95 -35.65
CA VAL C 34 31.40 -5.70 -34.98
C VAL C 34 30.77 -6.83 -34.16
N LYS C 35 31.40 -8.00 -34.25
CA LYS C 35 30.92 -9.24 -33.68
C LYS C 35 30.98 -9.13 -32.16
N PRO C 36 30.04 -9.79 -31.43
CA PRO C 36 30.16 -9.90 -29.98
C PRO C 36 31.53 -10.53 -29.67
N PRO C 37 32.04 -10.43 -28.43
CA PRO C 37 33.05 -11.39 -27.98
C PRO C 37 32.45 -12.79 -28.17
N PRO C 38 33.29 -13.84 -28.22
CA PRO C 38 32.79 -15.21 -28.32
C PRO C 38 31.72 -15.51 -27.27
N ASN C 39 30.60 -16.07 -27.74
CA ASN C 39 29.57 -16.65 -26.90
C ASN C 39 28.83 -15.55 -26.14
N LYS C 40 28.81 -14.31 -26.67
CA LYS C 40 28.09 -13.23 -25.99
C LYS C 40 26.92 -12.76 -26.86
N TYR C 41 25.82 -12.39 -26.22
CA TYR C 41 24.65 -11.85 -26.92
C TYR C 41 24.64 -10.32 -26.80
N PRO C 42 24.13 -9.61 -27.83
CA PRO C 42 23.92 -8.16 -27.76
C PRO C 42 22.62 -8.00 -26.99
N ILE C 43 22.70 -7.23 -25.90
CA ILE C 43 21.56 -7.02 -25.02
C ILE C 43 21.18 -5.55 -25.12
N PHE C 44 19.87 -5.29 -25.14
CA PHE C 44 19.40 -3.91 -25.02
C PHE C 44 18.64 -3.80 -23.70
N PHE C 45 18.94 -2.75 -22.95
CA PHE C 45 18.41 -2.59 -21.60
C PHE C 45 17.22 -1.64 -21.64
N PHE C 46 16.07 -2.09 -21.13
CA PHE C 46 14.91 -1.21 -21.06
C PHE C 46 15.15 -0.10 -20.04
N GLY C 47 14.44 1.03 -20.22
CA GLY C 47 14.55 2.12 -19.27
C GLY C 47 15.74 3.00 -19.61
N THR C 48 16.96 2.44 -19.48
CA THR C 48 18.14 3.21 -19.81
C THR C 48 18.35 3.22 -21.33
N HIS C 49 17.84 2.20 -22.02
CA HIS C 49 18.04 2.01 -23.46
C HIS C 49 19.53 1.96 -23.84
N GLU C 50 20.37 1.43 -22.96
CA GLU C 50 21.77 1.15 -23.26
C GLU C 50 21.94 -0.26 -23.81
N THR C 51 23.17 -0.57 -24.27
CA THR C 51 23.49 -1.86 -24.86
C THR C 51 24.78 -2.37 -24.22
N ALA C 52 24.92 -3.69 -24.19
CA ALA C 52 26.13 -4.37 -23.74
C ALA C 52 26.12 -5.77 -24.32
N PHE C 53 27.24 -6.48 -24.16
CA PHE C 53 27.35 -7.87 -24.58
C PHE C 53 27.38 -8.71 -23.32
N LEU C 54 26.59 -9.77 -23.28
CA LEU C 54 26.55 -10.61 -22.09
C LEU C 54 26.48 -12.07 -22.50
N GLY C 55 27.00 -12.93 -21.63
CA GLY C 55 26.96 -14.37 -21.83
C GLY C 55 25.71 -14.98 -21.20
N PRO C 56 25.43 -16.26 -21.54
CA PRO C 56 24.16 -16.88 -21.17
C PRO C 56 24.01 -17.00 -19.66
N LYS C 57 25.13 -17.11 -18.94
CA LYS C 57 25.11 -17.20 -17.50
C LYS C 57 24.37 -16.00 -16.91
N ASP C 58 24.30 -14.89 -17.66
CA ASP C 58 23.93 -13.59 -17.11
C ASP C 58 22.49 -13.24 -17.47
N LEU C 59 21.80 -14.17 -18.14
CA LEU C 59 20.53 -13.88 -18.79
C LEU C 59 19.45 -14.81 -18.26
N PHE C 60 18.25 -14.27 -18.03
CA PHE C 60 17.14 -15.03 -17.41
C PHE C 60 15.85 -14.75 -18.18
N PRO C 61 15.14 -15.79 -18.72
CA PRO C 61 13.97 -15.51 -19.55
C PRO C 61 12.95 -14.76 -18.70
N TYR C 62 12.32 -13.75 -19.32
CA TYR C 62 11.49 -12.77 -18.61
C TYR C 62 10.32 -13.47 -17.91
N ASP C 63 9.53 -14.23 -18.68
CA ASP C 63 8.35 -14.91 -18.16
C ASP C 63 8.68 -15.82 -16.99
N LYS C 64 9.82 -16.51 -17.08
CA LYS C 64 10.21 -17.50 -16.09
C LYS C 64 10.65 -16.82 -14.80
N SER C 65 11.25 -15.61 -14.91
CA SER C 65 11.93 -15.08 -13.73
C SER C 65 11.33 -13.76 -13.25
N LYS C 66 10.30 -13.25 -13.93
CA LYS C 66 9.72 -11.95 -13.56
C LYS C 66 9.18 -11.96 -12.13
N ASP C 67 8.66 -13.09 -11.64
CA ASP C 67 8.16 -13.15 -10.26
C ASP C 67 9.26 -12.75 -9.29
N LYS C 68 10.51 -13.15 -9.59
CA LYS C 68 11.66 -12.87 -8.75
C LYS C 68 12.31 -11.51 -9.05
N TYR C 69 12.49 -11.13 -10.32
CA TYR C 69 13.31 -9.94 -10.57
C TYR C 69 12.46 -8.74 -10.96
N GLY C 70 11.20 -8.99 -11.31
CA GLY C 70 10.35 -7.92 -11.80
C GLY C 70 9.66 -7.24 -10.61
N LYS C 71 10.45 -6.44 -9.90
CA LYS C 71 9.99 -5.71 -8.72
C LYS C 71 10.73 -4.38 -8.77
N PRO C 72 10.08 -3.28 -8.35
CA PRO C 72 10.69 -1.96 -8.50
C PRO C 72 12.00 -1.82 -7.72
N ASN C 73 12.82 -0.88 -8.14
CA ASN C 73 13.87 -0.40 -7.27
C ASN C 73 14.24 1.00 -7.74
N LYS C 74 15.18 1.63 -7.04
CA LYS C 74 15.35 3.06 -7.24
C LYS C 74 16.48 3.37 -8.20
N ARG C 75 17.10 2.35 -8.82
CA ARG C 75 18.21 2.62 -9.74
C ARG C 75 17.71 3.36 -10.97
N LYS C 76 18.57 4.23 -11.52
CA LYS C 76 18.21 5.10 -12.63
C LYS C 76 17.66 4.31 -13.81
N GLY C 77 16.42 4.62 -14.16
CA GLY C 77 15.84 4.10 -15.39
C GLY C 77 15.17 2.75 -15.17
N PHE C 78 15.27 2.20 -13.95
CA PHE C 78 14.81 0.82 -13.73
C PHE C 78 13.30 0.66 -13.91
N ASN C 79 12.54 1.56 -13.27
CA ASN C 79 11.11 1.34 -13.15
C ASN C 79 10.47 1.69 -14.49
N GLU C 80 11.08 2.63 -15.18
CA GLU C 80 10.62 2.89 -16.53
C GLU C 80 10.91 1.67 -17.40
N GLY C 81 12.07 1.01 -17.16
CA GLY C 81 12.37 -0.24 -17.85
C GLY C 81 11.35 -1.34 -17.57
N LEU C 82 10.88 -1.45 -16.32
CA LEU C 82 9.88 -2.46 -15.98
C LEU C 82 8.59 -2.17 -16.74
N TRP C 83 8.27 -0.89 -16.92
CA TRP C 83 7.06 -0.55 -17.68
C TRP C 83 7.21 -1.03 -19.14
N GLU C 84 8.36 -0.71 -19.73
CA GLU C 84 8.64 -1.02 -21.13
C GLU C 84 8.56 -2.53 -21.40
N ILE C 85 9.10 -3.35 -20.50
CA ILE C 85 9.18 -4.79 -20.76
C ILE C 85 7.81 -5.48 -20.74
N GLN C 86 6.90 -4.98 -19.89
CA GLN C 86 5.56 -5.54 -19.77
C GLN C 86 4.60 -4.91 -20.78
N ASN C 87 4.82 -3.64 -21.12
CA ASN C 87 3.82 -2.86 -21.84
C ASN C 87 4.21 -2.57 -23.30
N ASN C 88 5.50 -2.55 -23.62
CA ASN C 88 5.90 -2.10 -24.94
C ASN C 88 7.24 -2.73 -25.32
N PRO C 89 7.38 -4.07 -25.22
CA PRO C 89 8.69 -4.70 -25.27
C PRO C 89 9.47 -4.59 -26.59
N HIS C 90 8.76 -4.23 -27.67
CA HIS C 90 9.39 -4.31 -28.99
C HIS C 90 9.34 -2.97 -29.75
N ALA C 91 9.14 -1.86 -29.05
CA ALA C 91 9.31 -0.52 -29.64
C ALA C 91 10.79 -0.20 -29.83
N SER C 92 11.08 0.98 -30.40
CA SER C 92 12.37 1.31 -31.00
C SER C 92 13.34 1.93 -30.00
N TYR C 93 12.88 2.96 -29.27
CA TYR C 93 13.66 3.64 -28.25
C TYR C 93 15.01 4.10 -28.82
S SO4 D . 9.64 15.85 -8.85
O1 SO4 D . 10.10 15.81 -7.48
O2 SO4 D . 8.27 15.40 -8.90
O3 SO4 D . 9.71 17.20 -9.33
O4 SO4 D . 10.46 14.99 -9.65
S SO4 E . -1.83 21.21 -13.72
O1 SO4 E . -2.57 21.43 -12.50
O2 SO4 E . -2.54 20.26 -14.55
O3 SO4 E . -1.68 22.46 -14.43
O4 SO4 E . -0.52 20.68 -13.41
C1 EDO F . -0.86 1.10 2.16
O1 EDO F . -1.07 -0.29 2.39
C2 EDO F . -1.96 1.93 2.74
O2 EDO F . -3.22 1.75 2.14
C10 WO7 G . -0.06 13.45 -5.55
C01 WO7 G . -0.48 13.15 -2.67
C02 WO7 G . 0.22 14.32 -3.28
C05 WO7 G . 1.92 14.92 -4.97
C06 WO7 G . 3.19 14.08 -4.99
C07 WO7 G . 3.12 12.93 -5.95
C09 WO7 G . 0.79 12.51 -6.39
N04 WO7 G . 0.70 14.21 -4.54
N08 WO7 G . 1.96 11.97 -5.70
O03 WO7 G . 0.34 15.36 -2.66
S SO4 H . 10.01 6.10 -10.38
O1 SO4 H . 9.33 5.24 -9.46
O2 SO4 H . 10.67 7.15 -9.65
O3 SO4 H . 10.97 5.34 -11.14
O4 SO4 H . 9.04 6.70 -11.27
C1 EDO I . -7.66 1.47 18.28
O1 EDO I . -6.67 0.87 19.12
C2 EDO I . -9.00 1.42 18.96
O2 EDO I . -9.51 0.10 18.94
S SO4 J . -17.94 6.44 14.20
O1 SO4 J . -17.68 5.79 15.46
O2 SO4 J . -18.06 7.87 14.43
O3 SO4 J . -16.85 6.23 13.24
O4 SO4 J . -19.19 5.88 13.71
S SO4 K . 0.52 9.07 21.12
O1 SO4 K . 0.78 7.67 21.17
O2 SO4 K . 1.39 9.73 22.06
O3 SO4 K . 0.76 9.57 19.79
O4 SO4 K . -0.85 9.35 21.47
S SO4 L . 26.73 -9.33 -7.39
O1 SO4 L . 26.60 -10.54 -6.62
O2 SO4 L . 25.44 -8.73 -7.56
O3 SO4 L . 27.61 -8.41 -6.73
O4 SO4 L . 27.27 -9.66 -8.68
C10 WO7 M . 24.71 -0.01 -16.73
C01 WO7 M . 23.92 -1.13 -20.26
C02 WO7 M . 24.71 -0.68 -19.07
C05 WO7 M . 22.95 -1.61 -17.55
C06 WO7 M . 21.69 -0.81 -17.27
C07 WO7 M . 21.84 0.01 -16.01
C09 WO7 M . 24.03 1.37 -16.56
N04 WO7 M . 24.14 -0.79 -17.85
N08 WO7 M . 22.55 1.29 -16.23
O03 WO7 M . 25.83 -0.23 -19.20
#